data_6X9M
#
_entry.id   6X9M
#
_cell.length_a   45.200
_cell.length_b   50.330
_cell.length_c   79.140
_cell.angle_alpha   90.000
_cell.angle_beta   90.000
_cell.angle_gamma   90.000
#
_symmetry.space_group_name_H-M   'P 21 21 21'
#
loop_
_entity.id
_entity.type
_entity.pdbx_description
1 polymer 'Antifreeze protein'
2 non-polymer 'CALCIUM ION'
3 non-polymer 1,2-ETHANEDIOL
4 non-polymer 3-O-methyl-beta-D-glucopyranose
5 water water
#
_entity_poly.entity_id   1
_entity_poly.type   'polypeptide(L)'
_entity_poly.pdbx_seq_one_letter_code
;QDDSTPDSLFAGLVGEYYGTNSQLNNISDFRALVDSKEADATFEAANISYGRGSSDVAKGTHLQEFLGSDASTLSTDPGD
NTDGGIYLQGYVYLEAGTYNFKVTADDGYEITINGNPVATVDNNQSVYTVTHASFTISESGYQAIDMIWWDQGGDYVFQP
TLSADGGSTYFVLDSAILSSTGETPYTT
;
_entity_poly.pdbx_strand_id   A
#
loop_
_chem_comp.id
_chem_comp.type
_chem_comp.name
_chem_comp.formula
3MG D-saccharide, beta linking 3-O-methyl-beta-D-glucopyranose 'C7 H14 O6'
CA non-polymer 'CALCIUM ION' 'Ca 2'
EDO non-polymer 1,2-ETHANEDIOL 'C2 H6 O2'
#
# COMPACT_ATOMS: atom_id res chain seq x y z
N PRO A 6 3.68 -23.65 -2.61
CA PRO A 6 3.86 -22.80 -3.80
C PRO A 6 3.04 -21.49 -3.71
N ASP A 7 3.69 -20.35 -3.98
CA ASP A 7 3.07 -19.03 -3.86
C ASP A 7 2.70 -18.55 -5.25
N SER A 8 1.56 -17.92 -5.39
CA SER A 8 1.08 -17.43 -6.67
CA SER A 8 1.19 -17.57 -6.74
C SER A 8 2.05 -16.41 -7.27
N LEU A 9 2.35 -16.52 -8.56
CA LEU A 9 3.11 -15.53 -9.31
C LEU A 9 2.13 -14.66 -10.07
N PHE A 10 2.12 -13.37 -9.73
CA PHE A 10 1.29 -12.40 -10.43
C PHE A 10 2.03 -11.07 -10.43
N ALA A 11 1.59 -10.17 -11.29
CA ALA A 11 2.21 -8.86 -11.46
C ALA A 11 1.57 -7.89 -10.47
N GLY A 12 2.01 -8.00 -9.23
CA GLY A 12 1.44 -7.23 -8.14
C GLY A 12 2.12 -7.62 -6.84
N LEU A 13 1.75 -6.92 -5.76
CA LEU A 13 2.18 -7.29 -4.42
C LEU A 13 1.12 -8.17 -3.75
N VAL A 14 1.57 -9.02 -2.84
CA VAL A 14 0.67 -9.81 -2.00
C VAL A 14 0.00 -8.87 -1.02
N GLY A 15 -1.33 -8.80 -1.06
CA GLY A 15 -2.09 -7.89 -0.20
C GLY A 15 -2.85 -8.61 0.89
N GLU A 16 -2.87 -8.02 2.10
CA GLU A 16 -3.67 -8.45 3.21
C GLU A 16 -4.38 -7.21 3.74
N TYR A 17 -5.65 -7.38 4.07
CA TYR A 17 -6.48 -6.38 4.71
C TYR A 17 -6.79 -6.86 6.12
N TYR A 18 -6.70 -5.93 7.07
CA TYR A 18 -7.06 -6.15 8.48
C TYR A 18 -7.99 -5.05 8.96
N GLY A 19 -9.07 -5.45 9.61
CA GLY A 19 -9.98 -4.54 10.26
C GLY A 19 -9.93 -4.69 11.77
N THR A 20 -10.36 -3.65 12.50
CA THR A 20 -10.40 -3.67 13.95
C THR A 20 -11.43 -2.67 14.44
N ASN A 21 -11.90 -2.88 15.67
CA ASN A 21 -12.74 -1.91 16.36
C ASN A 21 -12.00 -1.14 17.44
N SER A 22 -10.68 -1.28 17.48
CA SER A 22 -9.79 -0.42 18.24
C SER A 22 -9.28 0.73 17.37
N GLN A 23 -8.72 1.75 18.04
CA GLN A 23 -8.22 2.91 17.31
C GLN A 23 -6.82 2.64 16.77
N LEU A 24 -6.63 2.97 15.50
CA LEU A 24 -5.31 2.98 14.88
C LEU A 24 -4.78 4.41 14.88
N ASN A 25 -3.72 4.65 15.66
CA ASN A 25 -3.12 5.98 15.76
C ASN A 25 -1.81 6.14 15.01
N ASN A 26 -1.14 5.05 14.67
CA ASN A 26 0.23 5.13 14.19
C ASN A 26 0.61 3.79 13.57
N ILE A 27 1.82 3.75 13.01
CA ILE A 27 2.30 2.57 12.31
C ILE A 27 2.35 1.38 13.24
N SER A 28 2.84 1.59 14.47
CA SER A 28 2.94 0.50 15.43
C SER A 28 1.59 -0.16 15.71
N ASP A 29 0.53 0.66 15.81
CA ASP A 29 -0.80 0.10 16.06
C ASP A 29 -1.24 -0.80 14.91
N PHE A 30 -1.00 -0.35 13.67
CA PHE A 30 -1.41 -1.18 12.55
C PHE A 30 -0.56 -2.44 12.45
N ARG A 31 0.76 -2.33 12.65
CA ARG A 31 1.60 -3.51 12.64
C ARG A 31 1.19 -4.50 13.72
N ALA A 32 0.81 -4.01 14.91
CA ALA A 32 0.34 -4.92 15.95
C ALA A 32 -0.96 -5.62 15.53
N LEU A 33 -1.84 -4.91 14.82
CA LEU A 33 -3.05 -5.54 14.32
C LEU A 33 -2.70 -6.68 13.35
N VAL A 34 -1.79 -6.42 12.42
CA VAL A 34 -1.35 -7.44 11.48
C VAL A 34 -0.82 -8.66 12.22
N ASP A 35 -0.01 -8.43 13.27
CA ASP A 35 0.58 -9.52 14.04
C ASP A 35 -0.44 -10.31 14.84
N SER A 36 -1.62 -9.73 15.11
CA SER A 36 -2.53 -10.30 16.09
C SER A 36 -3.42 -11.41 15.55
N LYS A 37 -3.54 -11.56 14.24
CA LYS A 37 -4.55 -12.48 13.70
C LYS A 37 -4.24 -12.73 12.23
N GLU A 38 -4.97 -13.67 11.64
CA GLU A 38 -4.91 -13.86 10.20
C GLU A 38 -5.64 -12.72 9.50
N ALA A 39 -5.21 -12.41 8.27
CA ALA A 39 -5.84 -11.34 7.52
C ALA A 39 -7.35 -11.55 7.42
N ASP A 40 -8.09 -10.44 7.48
CA ASP A 40 -9.52 -10.50 7.22
C ASP A 40 -9.82 -10.73 5.74
N ALA A 41 -8.94 -10.34 4.84
CA ALA A 41 -9.06 -10.70 3.43
C ALA A 41 -7.67 -10.61 2.82
N THR A 42 -7.46 -11.37 1.74
CA THR A 42 -6.26 -11.23 0.93
C THR A 42 -6.67 -10.75 -0.46
N PHE A 43 -5.70 -10.18 -1.17
CA PHE A 43 -5.93 -9.68 -2.52
C PHE A 43 -4.60 -9.52 -3.23
N GLU A 44 -4.67 -9.32 -4.53
CA GLU A 44 -3.51 -9.00 -5.37
C GLU A 44 -3.49 -7.48 -5.58
N ALA A 45 -2.39 -6.84 -5.17
CA ALA A 45 -2.23 -5.38 -5.29
C ALA A 45 -1.45 -5.10 -6.57
N ALA A 46 -2.18 -4.98 -7.69
CA ALA A 46 -1.60 -4.79 -9.01
C ALA A 46 -1.69 -3.35 -9.51
N ASN A 47 -2.40 -2.47 -8.81
CA ASN A 47 -2.53 -1.08 -9.27
C ASN A 47 -2.69 -0.22 -8.02
N ILE A 48 -1.55 0.18 -7.45
CA ILE A 48 -1.53 0.71 -6.09
C ILE A 48 -1.87 2.21 -6.10
N SER A 49 -3.15 2.48 -6.33
CA SER A 49 -3.70 3.85 -6.36
C SER A 49 -5.15 3.65 -5.89
N TYR A 50 -5.38 3.89 -4.60
CA TYR A 50 -6.61 3.45 -3.97
C TYR A 50 -7.39 4.65 -3.43
N GLY A 51 -8.70 4.58 -3.50
CA GLY A 51 -9.53 5.69 -3.04
C GLY A 51 -9.58 6.80 -4.06
N ARG A 52 -10.09 7.98 -3.67
CA ARG A 52 -10.53 8.40 -2.33
C ARG A 52 -11.99 8.04 -2.09
N GLY A 53 -12.32 7.78 -0.82
CA GLY A 53 -13.69 7.62 -0.41
C GLY A 53 -13.92 8.15 0.98
N SER A 54 -15.17 8.01 1.43
N SER A 54 -15.17 8.02 1.43
CA SER A 54 -15.64 8.54 2.69
CA SER A 54 -15.61 8.56 2.71
C SER A 54 -16.36 7.48 3.52
C SER A 54 -16.35 7.50 3.52
N SER A 55 -16.59 7.83 4.78
CA SER A 55 -17.45 7.03 5.67
C SER A 55 -16.84 5.68 6.07
N ASP A 56 -15.52 5.68 6.26
CA ASP A 56 -14.72 4.62 6.90
C ASP A 56 -14.37 3.48 5.92
N VAL A 57 -13.07 3.22 5.70
CA VAL A 57 -12.71 2.17 4.74
C VAL A 57 -13.25 0.82 5.16
N ALA A 58 -13.40 0.61 6.48
CA ALA A 58 -13.68 -0.70 7.05
C ALA A 58 -15.17 -1.01 7.10
N LYS A 59 -16.02 -0.08 6.67
CA LYS A 59 -17.47 -0.23 6.66
C LYS A 59 -17.98 -0.68 5.29
N GLY A 60 -19.04 -1.50 5.30
CA GLY A 60 -19.79 -1.76 4.08
C GLY A 60 -18.88 -2.24 2.96
N THR A 61 -19.10 -1.67 1.77
CA THR A 61 -18.32 -1.99 0.58
C THR A 61 -17.25 -0.95 0.31
N HIS A 62 -16.86 -0.18 1.31
CA HIS A 62 -15.86 0.87 1.07
C HIS A 62 -14.51 0.29 0.69
N LEU A 63 -14.13 -0.87 1.25
CA LEU A 63 -12.85 -1.45 0.88
C LEU A 63 -12.81 -1.83 -0.59
N GLN A 64 -13.91 -2.41 -1.08
CA GLN A 64 -14.02 -2.77 -2.48
C GLN A 64 -13.87 -1.53 -3.35
N GLU A 65 -14.54 -0.44 -2.97
CA GLU A 65 -14.47 0.79 -3.74
C GLU A 65 -13.05 1.34 -3.74
N PHE A 66 -12.42 1.33 -2.57
CA PHE A 66 -11.04 1.82 -2.40
C PHE A 66 -10.07 1.04 -3.27
N LEU A 67 -10.16 -0.30 -3.24
CA LEU A 67 -9.22 -1.14 -3.99
C LEU A 67 -9.50 -1.15 -5.48
N GLY A 68 -10.73 -0.81 -5.89
CA GLY A 68 -11.07 -0.65 -7.27
C GLY A 68 -10.71 -1.84 -8.12
N SER A 69 -9.84 -1.59 -9.11
CA SER A 69 -9.34 -2.58 -10.05
C SER A 69 -8.74 -3.82 -9.38
N ASP A 70 -8.32 -3.74 -8.12
CA ASP A 70 -7.75 -4.88 -7.40
C ASP A 70 -8.77 -5.64 -6.58
N ALA A 71 -9.97 -5.08 -6.37
CA ALA A 71 -10.99 -5.71 -5.50
C ALA A 71 -11.52 -7.03 -6.07
N SER A 72 -11.38 -7.29 -7.37
CA SER A 72 -11.89 -8.55 -7.90
C SER A 72 -11.06 -9.74 -7.46
N THR A 73 -9.92 -9.50 -6.80
CA THR A 73 -9.08 -10.56 -6.26
C THR A 73 -9.26 -10.77 -4.76
N LEU A 74 -10.22 -10.09 -4.13
CA LEU A 74 -10.47 -10.29 -2.71
C LEU A 74 -10.87 -11.72 -2.42
N SER A 75 -10.29 -12.27 -1.35
CA SER A 75 -10.62 -13.64 -0.95
C SER A 75 -11.97 -13.75 -0.27
N THR A 76 -12.45 -12.65 0.30
CA THR A 76 -13.73 -12.60 1.02
C THR A 76 -14.11 -11.13 1.11
N ASP A 77 -15.38 -10.89 1.45
CA ASP A 77 -15.88 -9.56 1.76
C ASP A 77 -15.86 -9.40 3.28
N PRO A 78 -14.92 -8.66 3.84
CA PRO A 78 -14.87 -8.51 5.30
C PRO A 78 -16.17 -7.92 5.84
N GLY A 79 -16.50 -8.28 7.07
CA GLY A 79 -17.53 -7.59 7.79
C GLY A 79 -17.10 -6.20 8.22
N ASP A 80 -18.03 -5.49 8.86
CA ASP A 80 -17.75 -4.12 9.26
C ASP A 80 -16.75 -4.07 10.40
N ASN A 81 -15.90 -3.06 10.37
CA ASN A 81 -15.07 -2.64 11.51
C ASN A 81 -15.03 -1.11 11.50
N THR A 82 -14.53 -0.51 12.58
CA THR A 82 -14.41 0.95 12.59
C THR A 82 -13.14 1.44 11.89
N ASP A 83 -12.05 0.67 11.98
CA ASP A 83 -10.72 1.05 11.52
C ASP A 83 -10.17 -0.10 10.69
N GLY A 84 -9.27 0.19 9.76
CA GLY A 84 -8.69 -0.92 9.00
C GLY A 84 -7.54 -0.43 8.15
N GLY A 85 -6.81 -1.38 7.57
CA GLY A 85 -5.68 -1.02 6.72
C GLY A 85 -5.17 -2.22 5.95
N ILE A 86 -4.12 -1.96 5.15
CA ILE A 86 -3.54 -2.97 4.29
C ILE A 86 -2.05 -3.11 4.56
N TYR A 87 -1.59 -4.34 4.33
CA TYR A 87 -0.19 -4.73 4.35
C TYR A 87 0.12 -5.39 3.01
N LEU A 88 1.05 -4.80 2.27
CA LEU A 88 1.42 -5.27 0.95
C LEU A 88 2.88 -5.71 1.00
N GLN A 89 3.21 -6.81 0.33
CA GLN A 89 4.61 -7.22 0.27
C GLN A 89 4.91 -7.97 -1.03
N GLY A 90 6.12 -7.75 -1.55
CA GLY A 90 6.54 -8.45 -2.74
C GLY A 90 7.77 -7.77 -3.30
N TYR A 91 7.79 -7.58 -4.62
CA TYR A 91 8.96 -7.08 -5.33
C TYR A 91 8.56 -6.05 -6.37
N VAL A 92 9.51 -5.15 -6.65
CA VAL A 92 9.30 -4.11 -7.66
C VAL A 92 10.57 -4.00 -8.50
N TYR A 93 10.41 -4.04 -9.81
CA TYR A 93 11.60 -3.94 -10.69
C TYR A 93 12.04 -2.47 -10.74
N LEU A 94 13.31 -2.24 -10.35
CA LEU A 94 13.91 -0.90 -10.42
C LEU A 94 15.36 -1.07 -10.88
N GLU A 95 15.75 -0.26 -11.84
CA GLU A 95 17.15 -0.17 -12.22
C GLU A 95 17.93 0.57 -11.12
N ALA A 96 19.23 0.31 -11.08
CA ALA A 96 20.09 1.04 -10.16
C ALA A 96 19.95 2.54 -10.42
N GLY A 97 19.96 3.33 -9.37
CA GLY A 97 19.81 4.78 -9.50
C GLY A 97 19.13 5.37 -8.28
N THR A 98 18.72 6.63 -8.45
CA THR A 98 18.10 7.43 -7.39
C THR A 98 16.61 7.60 -7.67
N TYR A 99 15.84 7.50 -6.59
CA TYR A 99 14.37 7.57 -6.66
C TYR A 99 13.83 8.34 -5.46
N ASN A 100 12.57 8.77 -5.58
CA ASN A 100 11.87 9.24 -4.39
C ASN A 100 10.37 9.04 -4.56
N PHE A 101 9.72 8.74 -3.42
CA PHE A 101 8.26 8.65 -3.39
C PHE A 101 7.61 10.02 -3.19
N LYS A 102 6.38 10.13 -3.69
CA LYS A 102 5.47 11.25 -3.42
C LYS A 102 4.12 10.58 -3.18
N VAL A 103 3.62 10.66 -1.94
CA VAL A 103 2.50 9.84 -1.49
C VAL A 103 1.35 10.74 -1.07
N THR A 104 0.15 10.46 -1.60
CA THR A 104 -1.09 11.07 -1.13
C THR A 104 -1.82 10.07 -0.26
N ALA A 105 -2.18 10.48 0.95
CA ALA A 105 -2.78 9.51 1.86
C ALA A 105 -3.63 10.18 2.93
N ASP A 106 -4.61 9.39 3.37
CA ASP A 106 -5.38 9.56 4.61
C ASP A 106 -5.69 8.12 5.00
N ASP A 107 -5.18 7.59 6.12
CA ASP A 107 -4.37 8.22 7.17
C ASP A 107 -2.89 8.03 6.84
N GLY A 108 -2.13 7.36 7.72
CA GLY A 108 -0.69 7.24 7.56
C GLY A 108 -0.27 5.98 6.84
N TYR A 109 1.06 5.81 6.77
CA TYR A 109 1.64 4.75 5.96
C TYR A 109 3.13 4.60 6.23
N GLU A 110 3.67 3.47 5.79
CA GLU A 110 5.11 3.29 5.71
C GLU A 110 5.44 2.37 4.57
N ILE A 111 6.41 2.77 3.76
CA ILE A 111 6.91 1.99 2.64
C ILE A 111 8.38 1.70 2.92
N THR A 112 8.76 0.44 2.76
CA THR A 112 10.15 0.03 2.92
C THR A 112 10.62 -0.67 1.65
N ILE A 113 11.89 -0.44 1.30
CA ILE A 113 12.52 -1.11 0.18
C ILE A 113 13.82 -1.72 0.66
N ASN A 114 14.03 -3.01 0.37
CA ASN A 114 15.22 -3.75 0.82
C ASN A 114 15.48 -3.53 2.31
N GLY A 115 14.41 -3.54 3.10
CA GLY A 115 14.56 -3.45 4.57
C GLY A 115 14.72 -2.05 5.12
N ASN A 116 14.65 -1.04 4.26
CA ASN A 116 14.92 0.32 4.71
C ASN A 116 13.69 1.13 4.46
N PRO A 117 13.10 1.94 5.50
CA PRO A 117 11.96 2.85 5.24
C PRO A 117 12.38 3.92 4.25
N VAL A 118 11.51 4.16 3.26
CA VAL A 118 11.70 5.20 2.26
C VAL A 118 10.55 6.18 2.19
N ALA A 119 9.44 5.93 2.90
CA ALA A 119 8.37 6.91 2.98
C ALA A 119 7.55 6.59 4.23
N THR A 120 7.45 7.54 5.16
CA THR A 120 6.81 7.31 6.46
C THR A 120 5.93 8.48 6.83
N VAL A 121 4.68 8.19 7.23
CA VAL A 121 3.83 9.13 7.96
C VAL A 121 3.27 8.34 9.15
N ASP A 122 3.77 8.63 10.34
CA ASP A 122 3.51 7.84 11.56
C ASP A 122 2.39 8.47 12.38
N ASN A 123 1.28 8.84 11.74
CA ASN A 123 0.18 9.48 12.45
C ASN A 123 -1.02 9.56 11.51
N ASN A 124 -2.18 9.87 12.10
CA ASN A 124 -3.39 10.10 11.34
C ASN A 124 -3.35 11.47 10.68
N GLN A 125 -4.07 11.62 9.56
CA GLN A 125 -4.12 12.88 8.84
C GLN A 125 -5.27 12.85 7.84
N SER A 126 -5.90 14.01 7.64
CA SER A 126 -6.73 14.17 6.44
C SER A 126 -5.82 14.17 5.21
N VAL A 127 -6.43 14.06 4.04
N VAL A 127 -6.42 14.04 4.04
CA VAL A 127 -5.67 13.87 2.77
CA VAL A 127 -5.67 13.87 2.76
C VAL A 127 -4.53 14.88 2.62
C VAL A 127 -4.54 14.87 2.60
N TYR A 128 -3.34 14.31 2.44
CA TYR A 128 -2.16 15.16 2.31
C TYR A 128 -1.17 14.45 1.41
N THR A 129 -0.46 15.28 0.65
CA THR A 129 0.61 14.70 -0.28
C THR A 129 1.99 15.10 0.24
N VAL A 130 2.85 14.15 0.49
CA VAL A 130 4.22 14.38 0.95
C VAL A 130 5.17 13.95 -0.15
N THR A 131 6.10 14.83 -0.50
CA THR A 131 7.25 14.49 -1.32
C THR A 131 8.37 14.03 -0.39
N HIS A 132 8.73 12.76 -0.47
CA HIS A 132 9.70 12.17 0.44
C HIS A 132 11.12 12.30 -0.10
N ALA A 133 12.08 12.12 0.81
CA ALA A 133 13.50 12.20 0.49
C ALA A 133 13.91 11.08 -0.45
N SER A 134 14.96 11.34 -1.22
CA SER A 134 15.43 10.38 -2.18
C SER A 134 16.17 9.23 -1.50
N PHE A 135 16.24 8.12 -2.23
CA PHE A 135 16.97 6.93 -1.82
C PHE A 135 17.62 6.34 -3.06
N THR A 136 18.58 5.46 -2.84
CA THR A 136 19.30 4.84 -3.94
C THR A 136 19.04 3.34 -3.97
N ILE A 137 19.06 2.82 -5.19
CA ILE A 137 19.03 1.39 -5.49
C ILE A 137 20.41 1.06 -6.05
N SER A 138 21.09 0.11 -5.42
CA SER A 138 22.48 -0.17 -5.80
C SER A 138 22.60 -1.15 -6.97
N GLU A 139 21.66 -2.09 -7.12
CA GLU A 139 21.75 -3.11 -8.16
C GLU A 139 20.41 -3.25 -8.87
N SER A 140 20.42 -3.17 -10.19
CA SER A 140 19.20 -3.33 -10.96
C SER A 140 18.57 -4.70 -10.73
N GLY A 141 17.23 -4.73 -10.72
CA GLY A 141 16.49 -5.97 -10.61
C GLY A 141 15.25 -5.78 -9.77
N TYR A 142 14.67 -6.91 -9.37
CA TYR A 142 13.54 -6.89 -8.46
C TYR A 142 14.03 -6.58 -7.05
N GLN A 143 13.53 -5.49 -6.49
CA GLN A 143 13.83 -5.06 -5.13
C GLN A 143 12.69 -5.52 -4.21
N ALA A 144 13.03 -5.91 -2.99
CA ALA A 144 11.99 -6.22 -2.02
C ALA A 144 11.28 -4.94 -1.60
N ILE A 145 9.96 -4.99 -1.49
CA ILE A 145 9.18 -3.83 -1.09
C ILE A 145 8.04 -4.30 -0.19
N ASP A 146 7.75 -3.51 0.84
CA ASP A 146 6.51 -3.69 1.56
C ASP A 146 5.89 -2.33 1.87
N MET A 147 4.58 -2.35 2.12
CA MET A 147 3.84 -1.14 2.46
C MET A 147 2.82 -1.46 3.53
N ILE A 148 2.60 -0.52 4.42
CA ILE A 148 1.41 -0.49 5.26
C ILE A 148 0.73 0.86 5.07
N TRP A 149 -0.59 0.83 5.17
CA TRP A 149 -1.43 2.01 5.12
C TRP A 149 -2.63 1.70 5.99
N TRP A 150 -3.19 2.71 6.65
CA TRP A 150 -4.42 2.48 7.39
C TRP A 150 -5.35 3.70 7.36
N ASP A 151 -6.59 3.44 7.77
CA ASP A 151 -7.63 4.43 7.99
C ASP A 151 -8.14 4.28 9.43
N GLN A 152 -8.06 5.36 10.20
N GLN A 152 -8.05 5.37 10.20
CA GLN A 152 -8.64 5.39 11.53
CA GLN A 152 -8.64 5.43 11.53
C GLN A 152 -10.14 5.69 11.50
C GLN A 152 -10.14 5.66 11.49
N GLY A 153 -10.68 6.01 10.33
CA GLY A 153 -12.06 6.41 10.17
C GLY A 153 -12.15 7.65 9.29
N GLY A 154 -13.35 7.89 8.76
CA GLY A 154 -13.60 9.06 7.93
C GLY A 154 -13.22 8.81 6.48
N ASP A 155 -12.44 9.73 5.92
N ASP A 155 -12.49 9.76 5.90
CA ASP A 155 -11.99 9.61 4.53
CA ASP A 155 -12.04 9.60 4.52
C ASP A 155 -10.77 8.70 4.46
C ASP A 155 -10.83 8.66 4.47
N TYR A 156 -10.49 8.23 3.25
CA TYR A 156 -9.40 7.28 3.03
C TYR A 156 -8.91 7.42 1.60
N VAL A 157 -7.59 7.41 1.43
CA VAL A 157 -6.96 7.44 0.11
C VAL A 157 -5.53 6.95 0.29
N PHE A 158 -4.98 6.29 -0.72
CA PHE A 158 -3.57 5.87 -0.67
C PHE A 158 -3.02 5.77 -2.08
N GLN A 159 -2.12 6.68 -2.44
CA GLN A 159 -1.50 6.68 -3.76
C GLN A 159 -0.02 7.00 -3.63
N PRO A 160 0.81 5.99 -3.41
N PRO A 160 0.85 5.96 -3.53
CA PRO A 160 2.24 6.20 -3.53
CA PRO A 160 2.30 6.18 -3.42
C PRO A 160 2.56 6.31 -5.02
C PRO A 160 3.04 6.18 -4.76
N THR A 161 3.29 7.34 -5.35
CA THR A 161 3.89 7.44 -6.66
C THR A 161 5.40 7.53 -6.50
N LEU A 162 6.12 7.16 -7.53
CA LEU A 162 7.57 7.07 -7.50
C LEU A 162 8.19 7.81 -8.68
N SER A 163 9.29 8.53 -8.42
CA SER A 163 10.02 9.24 -9.45
C SER A 163 11.44 8.65 -9.60
N ALA A 164 11.87 8.47 -10.83
CA ALA A 164 13.21 8.04 -11.20
C ALA A 164 14.03 9.17 -11.78
N ASP A 165 13.47 10.37 -11.92
CA ASP A 165 14.10 11.46 -12.67
C ASP A 165 14.13 12.73 -11.85
N GLY A 166 14.34 12.60 -10.54
CA GLY A 166 14.52 13.75 -9.69
C GLY A 166 13.25 14.52 -9.42
N GLY A 167 12.11 13.85 -9.50
CA GLY A 167 10.85 14.53 -9.15
C GLY A 167 10.17 15.21 -10.32
N SER A 168 10.69 15.03 -11.53
N SER A 168 10.68 15.06 -11.54
CA SER A 168 10.04 15.65 -12.71
CA SER A 168 10.04 15.75 -12.70
C SER A 168 8.78 14.89 -13.14
C SER A 168 8.78 14.91 -13.11
N THR A 169 8.85 13.55 -13.11
CA THR A 169 7.70 12.72 -13.42
C THR A 169 7.59 11.63 -12.35
N TYR A 170 6.36 11.20 -12.10
CA TYR A 170 6.07 10.17 -11.13
C TYR A 170 5.15 9.14 -11.78
N PHE A 171 5.28 7.89 -11.32
CA PHE A 171 4.43 6.80 -11.78
C PHE A 171 3.84 6.02 -10.60
N VAL A 172 2.67 5.47 -10.84
CA VAL A 172 2.05 4.50 -9.94
C VAL A 172 2.75 3.16 -10.06
N LEU A 173 2.87 2.46 -8.93
CA LEU A 173 3.38 1.10 -8.92
C LEU A 173 2.25 0.15 -9.33
N ASP A 174 2.43 -0.55 -10.45
CA ASP A 174 1.39 -1.39 -11.01
C ASP A 174 2.02 -2.57 -11.72
N SER A 175 1.19 -3.29 -12.48
CA SER A 175 1.61 -4.55 -13.09
C SER A 175 2.79 -4.41 -14.04
N ALA A 176 3.13 -3.20 -14.50
CA ALA A 176 4.30 -3.07 -15.34
C ALA A 176 5.57 -3.52 -14.64
N ILE A 177 5.67 -3.36 -13.32
CA ILE A 177 6.94 -3.55 -12.62
C ILE A 177 6.83 -4.37 -11.33
N LEU A 178 5.61 -4.70 -10.89
CA LEU A 178 5.46 -5.45 -9.64
C LEU A 178 5.53 -6.96 -9.89
N SER A 179 6.06 -7.69 -8.91
CA SER A 179 6.09 -9.15 -8.94
C SER A 179 5.83 -9.67 -7.53
N SER A 180 4.96 -10.67 -7.43
CA SER A 180 4.64 -11.19 -6.10
C SER A 180 5.78 -12.00 -5.49
N THR A 181 6.61 -12.64 -6.31
CA THR A 181 7.65 -13.54 -5.81
C THR A 181 9.07 -13.13 -6.20
N GLY A 182 9.23 -12.17 -7.10
CA GLY A 182 10.53 -11.83 -7.63
C GLY A 182 10.86 -12.51 -8.94
N GLU A 183 10.03 -13.44 -9.37
CA GLU A 183 10.15 -13.99 -10.72
C GLU A 183 9.43 -13.07 -11.70
N THR A 184 9.78 -13.19 -12.97
CA THR A 184 9.21 -12.30 -13.98
C THR A 184 7.79 -12.72 -14.29
N PRO A 185 6.78 -11.87 -14.12
CA PRO A 185 5.41 -12.28 -14.46
C PRO A 185 5.12 -12.08 -15.94
N TYR A 186 4.40 -13.07 -16.51
CA TYR A 186 3.89 -13.05 -17.89
C TYR A 186 2.37 -13.28 -17.81
N THR A 187 1.67 -12.32 -17.24
CA THR A 187 0.25 -12.51 -16.94
C THR A 187 -0.57 -11.45 -17.68
CA CA B . -9.24 8.57 7.67
CA CA C . -17.62 -5.40 3.81
CA CA D . -10.90 4.92 14.78
CA CA E . -1.29 -11.74 10.55
C1 EDO F . -18.83 -2.76 -4.14
O1 EDO F . -20.22 -2.92 -3.84
C2 EDO F . -18.25 -4.14 -4.53
O2 EDO F . -17.61 -4.11 -5.81
H11 EDO F . -18.31 -2.37 -3.26
H12 EDO F . -18.71 -2.05 -4.96
H21 EDO F . -19.06 -4.87 -4.57
H22 EDO F . -17.53 -4.46 -3.78
HO2 EDO F . -18.13 -4.61 -6.45
C1 EDO G . 16.90 0.41 0.11
O1 EDO G . 16.38 1.75 0.19
C2 EDO G . 17.67 0.24 -1.20
O2 EDO G . 18.48 -0.93 -1.09
H11 EDO G . 16.08 -0.30 0.16
H12 EDO G . 17.56 0.22 0.96
HO1 EDO G . 15.84 1.84 0.99
H21 EDO G . 18.29 1.11 -1.39
H22 EDO G . 16.97 0.14 -2.03
HO2 EDO G . 19.32 -0.78 -1.55
O6 3MG H . -10.07 13.90 12.19
O6 3MG H . -10.44 15.67 7.88
C6 3MG H . -9.19 14.56 11.31
C6 3MG H . -11.09 15.14 9.00
C5 3MG H . -9.11 13.84 10.02
C5 3MG H . -10.49 13.85 9.38
O5 3MG H . -8.69 12.42 10.25
O5 3MG H . -10.44 13.00 8.14
C4 3MG H . -10.47 13.94 9.35
C4 3MG H . -9.06 13.88 9.96
O4 3MG H . -10.71 15.31 8.95
O4 3MG H . -9.14 14.70 11.13
C3 3MG H . -10.60 13.06 8.15
C3 3MG H . -8.61 12.52 10.31
O3 3MG H . -11.95 13.31 7.64
O3 3MG H . -7.22 12.44 10.76
C7 3MG H . -12.98 12.38 7.54
C7 3MG H . -6.66 13.53 11.44
C2 3MG H . -10.24 11.66 8.47
C2 3MG H . -8.67 11.57 9.13
O2 3MG H . -10.30 10.88 7.29
O2 3MG H . -8.49 10.21 9.51
C1 3MG H . -8.83 11.57 9.06
C1 3MG H . -10.05 11.63 8.46
O1 3MG H . -8.59 10.27 9.40
O1 3MG H . -10.13 10.87 7.33
HO6 3MG H . -10.79 14.34 12.23
HO6 3MG H . -10.93 16.26 7.52
H61 3MG H . -9.49 15.46 11.16
H61 3MG H . -11.00 15.76 9.73
H62 3MG H . -8.30 14.58 11.71
H62 3MG H . -12.02 15.00 8.78
H5 3MG H . -8.45 14.25 9.45
H5 3MG H . -11.05 13.53 10.10
H4 3MG H . -11.14 13.67 10.00
H4 3MG H . -8.43 14.25 9.33
HO4 3MG H . -11.03 15.32 8.17
HO4 3MG H . -9.30 15.51 10.89
H3 3MG H . -10.01 13.27 7.40
H3 3MG H . -9.18 12.26 11.05
H71 3MG H . -12.83 11.67 8.18
H71 3MG H . -6.40 14.22 10.82
H72 3MG H . -13.83 12.80 7.72
H72 3MG H . -7.30 13.88 12.08
H73 3MG H . -12.98 12.00 6.65
H73 3MG H . -5.86 13.23 11.93
H2 3MG H . -10.88 11.31 9.11
H2 3MG H . -7.96 11.84 8.53
HO2 3MG H . -9.56 10.50 7.15
HO2 3MG H . -8.20 9.77 8.84
H1 3MG H . -8.18 11.86 8.40
H1 3MG H . -10.67 11.23 9.09
HO1 3MG H . -9.30 9.82 9.35
HO1 3MG H . -10.63 10.19 7.49
CA CA I . -9.74 3.44 -8.28
#